data_4WTP
#
_entry.id   4WTP
#
_cell.length_a   45.887
_cell.length_b   50.366
_cell.length_c   98.405
_cell.angle_alpha   90.00
_cell.angle_beta   90.00
_cell.angle_gamma   90.00
#
_symmetry.space_group_name_H-M   'P 21 21 21'
#
loop_
_entity.id
_entity.type
_entity.pdbx_description
1 polymer beta-1,3-glucanosyltransferase
2 non-polymer 1,2-ETHANEDIOL
3 water water
#
_entity_poly.entity_id   1
_entity_poly.type   'polypeptide(L)'
_entity_poly.pdbx_seq_one_letter_code
;MGSSHHHHHHSSGLVPRGSHMASMTGGQQMGRGSQTFYGINYGVNENSCPTVDSMKNDFNVLKPYTNRVRTFALSVCNQA
SLALAATQALGMRIYLGMWIDRPDTFDNEMNALKNILANNDVSNVDGLIVGSEVLYRGDTDPQSLANYIKQVKELVAPHG
IKVATADVYYKFPEVVVKELDFLMMNAFPYWEGVTIDNAADTLMSHYDQVVGASLGKPVKISETGWPSAGGNFQSSVASV
ENENKYLHDVLCRVKQRNIDLLYFSAFDEPYRGGVEAHFGVLGSDRNTKPGITIEAGC
;
_entity_poly.pdbx_strand_id   A
#
# COMPACT_ATOMS: atom_id res chain seq x y z
N GLY A 33 -18.70 -3.75 -9.43
CA GLY A 33 -18.09 -3.76 -8.08
C GLY A 33 -16.73 -3.07 -8.08
N SER A 34 -16.65 -1.87 -8.66
CA SER A 34 -15.37 -1.16 -8.69
C SER A 34 -15.13 -0.31 -7.44
N GLN A 35 -15.94 -0.52 -6.42
CA GLN A 35 -15.64 -0.04 -5.07
C GLN A 35 -15.36 -1.19 -4.11
N THR A 36 -15.16 -2.41 -4.64
CA THR A 36 -14.83 -3.54 -3.77
C THR A 36 -13.54 -3.23 -3.01
N PHE A 37 -12.53 -2.71 -3.70
CA PHE A 37 -11.33 -2.23 -3.00
C PHE A 37 -11.29 -0.72 -3.06
N TYR A 38 -11.03 -0.07 -1.93
CA TYR A 38 -10.69 1.35 -1.94
C TYR A 38 -9.48 1.55 -2.89
N GLY A 39 -8.47 0.70 -2.75
CA GLY A 39 -7.35 0.70 -3.69
C GLY A 39 -6.54 -0.54 -3.51
N ILE A 40 -5.63 -0.81 -4.45
N ILE A 40 -5.61 -0.79 -4.43
CA ILE A 40 -4.81 -2.03 -4.41
CA ILE A 40 -4.79 -1.98 -4.39
C ILE A 40 -3.35 -1.68 -4.67
C ILE A 40 -3.33 -1.67 -4.66
N ASN A 41 -2.47 -2.26 -3.83
CA ASN A 41 -1.05 -2.14 -4.00
C ASN A 41 -0.58 -2.85 -5.26
N TYR A 42 0.29 -2.20 -6.02
CA TYR A 42 0.76 -2.72 -7.30
C TYR A 42 2.26 -2.81 -7.31
N GLY A 43 2.77 -4.04 -7.30
CA GLY A 43 4.21 -4.25 -7.22
C GLY A 43 4.90 -4.12 -8.56
N VAL A 44 6.15 -3.67 -8.52
CA VAL A 44 6.97 -3.52 -9.71
C VAL A 44 8.23 -4.38 -9.62
N ASN A 45 8.47 -5.21 -10.65
CA ASN A 45 9.70 -6.00 -10.76
C ASN A 45 10.77 -5.14 -11.43
N GLU A 46 11.71 -4.69 -10.62
CA GLU A 46 12.79 -3.84 -11.09
C GLU A 46 13.60 -4.58 -12.16
N ASN A 47 13.65 -5.90 -12.08
CA ASN A 47 14.40 -6.73 -13.02
C ASN A 47 13.62 -7.05 -14.27
N SER A 48 12.35 -6.69 -14.29
CA SER A 48 11.51 -6.91 -15.47
C SER A 48 10.47 -5.78 -15.56
N CYS A 49 10.90 -4.64 -16.07
CA CYS A 49 10.09 -3.44 -16.03
C CYS A 49 8.86 -3.46 -16.88
N PRO A 50 7.72 -2.99 -16.31
CA PRO A 50 6.46 -2.77 -16.99
C PRO A 50 6.51 -1.58 -17.96
N THR A 51 5.48 -1.48 -18.78
CA THR A 51 5.31 -0.38 -19.72
C THR A 51 3.90 0.17 -19.61
N VAL A 52 3.64 1.33 -20.21
CA VAL A 52 2.33 1.96 -20.06
C VAL A 52 1.15 1.09 -20.51
N ASP A 53 1.28 0.39 -21.63
CA ASP A 53 0.21 -0.49 -22.11
C ASP A 53 0.11 -1.73 -21.24
N SER A 54 1.28 -2.25 -20.84
CA SER A 54 1.35 -3.39 -19.92
C SER A 54 0.69 -3.04 -18.59
N MET A 55 0.96 -1.83 -18.12
CA MET A 55 0.29 -1.35 -16.92
C MET A 55 -1.18 -1.13 -17.19
N LYS A 56 -1.51 -0.55 -18.36
CA LYS A 56 -2.90 -0.39 -18.78
C LYS A 56 -3.58 -1.76 -18.77
N ASN A 57 -2.89 -2.76 -19.32
CA ASN A 57 -3.37 -4.13 -19.27
C ASN A 57 -3.65 -4.59 -17.85
N ASP A 58 -2.64 -4.43 -17.00
CA ASP A 58 -2.76 -4.80 -15.59
C ASP A 58 -3.88 -4.01 -14.89
N PHE A 59 -3.95 -2.71 -15.14
CA PHE A 59 -4.96 -1.89 -14.49
C PHE A 59 -6.36 -2.19 -14.95
N ASN A 60 -6.53 -2.52 -16.24
CA ASN A 60 -7.84 -2.96 -16.72
C ASN A 60 -8.28 -4.24 -16.07
N VAL A 61 -7.32 -5.14 -15.78
CA VAL A 61 -7.65 -6.36 -15.05
C VAL A 61 -8.21 -6.04 -13.65
N LEU A 62 -7.67 -4.97 -13.06
CA LEU A 62 -8.09 -4.52 -11.72
C LEU A 62 -9.33 -3.64 -11.70
N LYS A 63 -9.62 -3.00 -12.85
CA LYS A 63 -10.68 -2.00 -12.95
C LYS A 63 -12.08 -2.48 -12.54
N PRO A 64 -12.44 -3.76 -12.79
CA PRO A 64 -13.74 -4.22 -12.27
C PRO A 64 -13.83 -4.31 -10.76
N TYR A 65 -12.70 -4.20 -10.07
CA TYR A 65 -12.65 -4.36 -8.61
C TYR A 65 -12.30 -3.10 -7.85
N THR A 66 -11.68 -2.11 -8.52
CA THR A 66 -11.20 -0.93 -7.82
C THR A 66 -10.99 0.19 -8.84
N ASN A 67 -10.90 1.42 -8.36
CA ASN A 67 -10.52 2.51 -9.23
C ASN A 67 -9.21 3.15 -8.82
N ARG A 68 -8.41 2.48 -7.99
CA ARG A 68 -7.23 3.13 -7.39
C ARG A 68 -6.10 2.15 -7.17
N VAL A 69 -4.87 2.55 -7.50
CA VAL A 69 -3.69 1.72 -7.27
C VAL A 69 -2.66 2.48 -6.48
N ARG A 70 -1.65 1.78 -5.99
CA ARG A 70 -0.57 2.40 -5.27
C ARG A 70 0.76 1.83 -5.72
N THR A 71 1.72 2.72 -6.00
CA THR A 71 3.10 2.35 -6.34
C THR A 71 4.03 2.63 -5.18
N PHE A 72 5.13 1.86 -5.12
CA PHE A 72 6.04 1.91 -3.97
C PHE A 72 7.25 2.85 -4.07
N ALA A 73 7.61 3.22 -5.30
CA ALA A 73 8.81 4.03 -5.51
C ALA A 73 8.56 5.03 -6.63
N LEU A 74 9.26 6.16 -6.61
CA LEU A 74 9.13 7.14 -7.69
C LEU A 74 10.09 6.83 -8.82
N SER A 75 11.39 6.70 -8.49
CA SER A 75 12.41 6.59 -9.54
C SER A 75 12.56 5.18 -10.13
N VAL A 76 12.44 4.17 -9.30
CA VAL A 76 12.58 2.78 -9.74
C VAL A 76 11.67 2.45 -10.93
N CYS A 77 12.26 2.08 -12.06
CA CYS A 77 11.52 1.73 -13.29
C CYS A 77 10.74 2.88 -13.94
N ASN A 78 11.03 4.10 -13.49
CA ASN A 78 10.20 5.27 -13.87
C ASN A 78 8.70 5.00 -13.65
N GLN A 79 8.41 4.23 -12.60
CA GLN A 79 7.08 3.65 -12.41
C GLN A 79 6.00 4.69 -12.06
N ALA A 80 6.40 5.76 -11.37
CA ALA A 80 5.42 6.79 -11.04
C ALA A 80 4.88 7.51 -12.29
N SER A 81 5.77 7.94 -13.18
CA SER A 81 5.36 8.58 -14.45
C SER A 81 4.52 7.66 -15.33
N LEU A 82 4.95 6.39 -15.43
CA LEU A 82 4.17 5.39 -16.19
C LEU A 82 2.79 5.13 -15.59
N ALA A 83 2.73 4.97 -14.25
CA ALA A 83 1.47 4.70 -13.58
C ALA A 83 0.49 5.88 -13.62
N LEU A 84 1.04 7.09 -13.57
CA LEU A 84 0.23 8.31 -13.73
C LEU A 84 -0.48 8.32 -15.12
N ALA A 85 0.27 7.97 -16.15
CA ALA A 85 -0.31 7.93 -17.51
C ALA A 85 -1.34 6.80 -17.68
N ALA A 86 -1.03 5.63 -17.13
CA ALA A 86 -1.95 4.48 -17.24
C ALA A 86 -3.26 4.73 -16.48
N THR A 87 -3.12 5.18 -15.21
CA THR A 87 -4.30 5.46 -14.41
C THR A 87 -5.15 6.58 -15.07
N GLN A 88 -4.47 7.65 -15.51
CA GLN A 88 -5.19 8.80 -16.09
C GLN A 88 -5.95 8.41 -17.36
N ALA A 89 -5.30 7.59 -18.17
CA ALA A 89 -5.95 7.02 -19.37
C ALA A 89 -7.21 6.21 -19.05
N LEU A 90 -7.20 5.53 -17.89
N LEU A 90 -7.21 5.53 -17.89
CA LEU A 90 -8.30 4.64 -17.50
CA LEU A 90 -8.31 4.64 -17.50
C LEU A 90 -9.25 5.29 -16.53
C LEU A 90 -9.27 5.30 -16.54
N GLY A 91 -9.00 6.55 -16.19
CA GLY A 91 -9.87 7.28 -15.29
C GLY A 91 -9.73 6.80 -13.85
N MET A 92 -8.57 6.25 -13.55
N MET A 92 -8.56 6.23 -13.55
CA MET A 92 -8.27 5.72 -12.22
CA MET A 92 -8.28 5.70 -12.21
C MET A 92 -7.48 6.70 -11.34
C MET A 92 -7.51 6.72 -11.34
N ARG A 93 -7.43 6.45 -10.03
CA ARG A 93 -6.69 7.31 -9.10
C ARG A 93 -5.44 6.58 -8.60
N ILE A 94 -4.56 7.28 -7.89
CA ILE A 94 -3.28 6.70 -7.48
C ILE A 94 -2.76 7.27 -6.18
N TYR A 95 -2.13 6.44 -5.34
CA TYR A 95 -1.25 6.91 -4.25
C TYR A 95 0.16 6.68 -4.74
N LEU A 96 0.98 7.72 -4.70
CA LEU A 96 2.39 7.59 -5.06
C LEU A 96 3.26 7.40 -3.83
N GLY A 97 3.99 6.28 -3.79
CA GLY A 97 4.92 6.01 -2.70
C GLY A 97 6.31 6.46 -3.10
N MET A 98 7.02 7.00 -2.12
CA MET A 98 8.46 7.27 -2.21
C MET A 98 9.17 6.16 -1.47
N TRP A 99 10.22 5.62 -2.09
CA TRP A 99 10.98 4.54 -1.46
C TRP A 99 12.27 5.04 -0.89
N ILE A 100 12.28 5.30 0.42
CA ILE A 100 13.48 5.81 1.08
C ILE A 100 13.99 4.74 2.04
N ASP A 101 15.30 4.51 1.97
CA ASP A 101 16.02 3.63 2.91
C ASP A 101 17.50 4.00 3.05
N ARG A 102 18.32 3.69 2.05
CA ARG A 102 19.75 4.05 2.14
C ARG A 102 19.88 5.57 1.95
N PRO A 103 20.92 6.19 2.56
CA PRO A 103 21.17 7.64 2.52
C PRO A 103 20.94 8.33 1.17
N ASP A 104 21.41 7.74 0.08
CA ASP A 104 21.25 8.39 -1.25
C ASP A 104 19.78 8.53 -1.64
N THR A 105 18.92 7.68 -1.07
CA THR A 105 17.52 7.67 -1.49
C THR A 105 16.76 8.93 -1.13
N PHE A 106 17.14 9.62 -0.06
CA PHE A 106 16.38 10.82 0.38
C PHE A 106 16.45 11.91 -0.68
N ASP A 107 17.65 12.32 -1.05
CA ASP A 107 17.79 13.35 -2.07
C ASP A 107 17.33 12.86 -3.43
N ASN A 108 17.59 11.59 -3.72
CA ASN A 108 17.28 11.08 -5.03
C ASN A 108 15.77 10.94 -5.28
N GLU A 109 15.04 10.46 -4.27
CA GLU A 109 13.56 10.38 -4.39
C GLU A 109 12.96 11.78 -4.38
N MET A 110 13.55 12.69 -3.59
CA MET A 110 13.08 14.08 -3.61
C MET A 110 13.21 14.73 -5.00
N ASN A 111 14.36 14.51 -5.63
CA ASN A 111 14.56 14.97 -7.01
C ASN A 111 13.60 14.31 -7.98
N ALA A 112 13.36 13.02 -7.80
CA ALA A 112 12.41 12.31 -8.67
C ALA A 112 11.02 12.94 -8.53
N LEU A 113 10.67 13.33 -7.31
CA LEU A 113 9.39 13.95 -7.04
C LEU A 113 9.35 15.30 -7.78
N LYS A 114 10.41 16.09 -7.64
CA LYS A 114 10.48 17.39 -8.35
C LYS A 114 10.30 17.18 -9.85
N ASN A 115 10.91 16.15 -10.40
CA ASN A 115 10.74 15.84 -11.82
C ASN A 115 9.32 15.50 -12.21
N ILE A 116 8.67 14.68 -11.39
CA ILE A 116 7.28 14.36 -11.62
C ILE A 116 6.45 15.64 -11.57
N LEU A 117 6.71 16.50 -10.60
CA LEU A 117 5.93 17.73 -10.48
C LEU A 117 6.11 18.65 -11.73
N ALA A 118 7.25 18.55 -12.39
CA ALA A 118 7.56 19.36 -13.58
C ALA A 118 7.05 18.72 -14.85
N ASN A 119 7.00 17.40 -14.87
CA ASN A 119 6.84 16.65 -16.10
C ASN A 119 5.47 15.97 -16.31
N ASN A 120 4.69 15.88 -15.24
CA ASN A 120 3.46 15.12 -15.22
C ASN A 120 2.28 15.85 -14.63
N ASP A 121 1.12 15.50 -15.15
CA ASP A 121 -0.14 15.80 -14.50
C ASP A 121 -0.21 14.97 -13.20
N VAL A 122 -0.52 15.61 -12.08
CA VAL A 122 -0.62 14.87 -10.79
C VAL A 122 -2.03 15.03 -10.19
N SER A 123 -2.99 15.35 -11.05
CA SER A 123 -4.32 15.69 -10.54
C SER A 123 -5.10 14.49 -9.98
N ASN A 124 -4.66 13.28 -10.32
CA ASN A 124 -5.38 12.09 -9.84
C ASN A 124 -4.70 11.43 -8.67
N VAL A 125 -3.79 12.15 -8.01
CA VAL A 125 -2.99 11.60 -6.92
C VAL A 125 -3.72 11.90 -5.62
N ASP A 126 -4.05 10.84 -4.87
CA ASP A 126 -4.79 10.96 -3.63
C ASP A 126 -3.89 11.06 -2.41
N GLY A 127 -2.58 10.87 -2.60
CA GLY A 127 -1.65 10.99 -1.48
C GLY A 127 -0.25 10.64 -1.92
N LEU A 128 0.71 11.20 -1.18
CA LEU A 128 2.10 10.87 -1.35
C LEU A 128 2.56 10.17 -0.06
N ILE A 129 3.09 8.96 -0.20
CA ILE A 129 3.50 8.16 0.95
C ILE A 129 5.01 8.26 1.08
N VAL A 130 5.47 8.99 2.09
CA VAL A 130 6.86 9.35 2.23
C VAL A 130 7.56 8.24 3.00
N GLY A 131 7.95 7.20 2.27
CA GLY A 131 8.59 6.04 2.87
C GLY A 131 7.61 5.00 3.37
N SER A 132 8.10 3.77 3.46
CA SER A 132 7.35 2.68 4.07
C SER A 132 8.30 1.88 4.94
N GLU A 133 7.99 1.83 6.24
CA GLU A 133 8.80 1.12 7.23
C GLU A 133 10.20 1.70 7.42
N VAL A 134 10.33 3.00 7.22
CA VAL A 134 11.62 3.67 7.43
C VAL A 134 12.11 3.54 8.88
N LEU A 135 11.21 3.76 9.84
CA LEU A 135 11.54 3.63 11.25
C LEU A 135 11.59 2.17 11.70
N TYR A 136 10.72 1.31 11.17
CA TYR A 136 10.85 -0.12 11.47
C TYR A 136 12.27 -0.62 11.11
N ARG A 137 12.76 -0.23 9.93
CA ARG A 137 14.09 -0.68 9.45
C ARG A 137 15.25 0.04 10.10
N GLY A 138 14.98 1.15 10.78
CA GLY A 138 16.08 1.92 11.39
C GLY A 138 16.89 2.68 10.36
N ASP A 139 16.28 3.12 9.25
CA ASP A 139 17.01 3.79 8.18
C ASP A 139 17.42 5.21 8.58
N THR A 140 16.64 5.84 9.45
CA THR A 140 16.98 7.15 9.98
C THR A 140 16.24 7.32 11.30
N ASP A 141 16.52 8.43 11.97
CA ASP A 141 15.91 8.72 13.26
C ASP A 141 14.61 9.49 13.03
N PRO A 142 13.72 9.50 14.04
CA PRO A 142 12.43 10.21 13.90
C PRO A 142 12.52 11.66 13.49
N GLN A 143 13.41 12.45 14.11
CA GLN A 143 13.45 13.87 13.74
C GLN A 143 13.88 14.08 12.28
N SER A 144 14.86 13.31 11.83
CA SER A 144 15.31 13.40 10.42
C SER A 144 14.20 13.02 9.43
N LEU A 145 13.42 11.99 9.76
CA LEU A 145 12.29 11.66 8.94
C LEU A 145 11.24 12.77 8.95
N ALA A 146 10.97 13.31 10.13
CA ALA A 146 10.02 14.41 10.25
C ALA A 146 10.44 15.62 9.41
N ASN A 147 11.73 15.99 9.50
CA ASN A 147 12.25 17.09 8.69
C ASN A 147 12.11 16.84 7.18
N TYR A 148 12.36 15.60 6.76
CA TYR A 148 12.26 15.26 5.35
C TYR A 148 10.80 15.38 4.90
N ILE A 149 9.88 14.87 5.72
CA ILE A 149 8.45 14.98 5.42
C ILE A 149 8.04 16.44 5.26
N LYS A 150 8.49 17.28 6.18
CA LYS A 150 8.19 18.70 6.13
C LYS A 150 8.63 19.28 4.76
N GLN A 151 9.85 18.94 4.32
CA GLN A 151 10.38 19.39 3.02
C GLN A 151 9.56 18.86 1.83
N VAL A 152 9.14 17.59 1.90
CA VAL A 152 8.30 17.03 0.86
C VAL A 152 6.93 17.72 0.78
N LYS A 153 6.33 17.94 1.95
CA LYS A 153 5.04 18.62 2.02
C LYS A 153 5.08 19.99 1.35
N GLU A 154 6.17 20.72 1.54
CA GLU A 154 6.32 22.05 0.93
C GLU A 154 6.31 21.98 -0.59
N LEU A 155 6.76 20.85 -1.13
CA LEU A 155 6.75 20.61 -2.56
C LEU A 155 5.38 20.28 -3.15
N VAL A 156 4.60 19.51 -2.39
CA VAL A 156 3.35 19.00 -2.95
C VAL A 156 2.08 19.68 -2.46
N ALA A 157 2.17 20.34 -1.30
CA ALA A 157 1.01 21.08 -0.78
C ALA A 157 0.42 22.05 -1.80
N PRO A 158 1.26 22.74 -2.59
CA PRO A 158 0.69 23.65 -3.59
C PRO A 158 -0.13 22.96 -4.68
N HIS A 159 0.05 21.64 -4.84
CA HIS A 159 -0.79 20.83 -5.74
C HIS A 159 -1.98 20.20 -5.05
N GLY A 160 -2.18 20.53 -3.77
CA GLY A 160 -3.30 19.98 -3.01
C GLY A 160 -3.12 18.50 -2.67
N ILE A 161 -1.88 18.00 -2.73
CA ILE A 161 -1.62 16.58 -2.40
C ILE A 161 -1.23 16.39 -0.96
N LYS A 162 -1.95 15.51 -0.27
CA LYS A 162 -1.69 15.26 1.16
C LYS A 162 -0.57 14.24 1.35
N VAL A 163 0.18 14.39 2.46
CA VAL A 163 1.32 13.51 2.72
C VAL A 163 1.11 12.60 3.93
N ALA A 164 1.62 11.38 3.79
CA ALA A 164 1.58 10.39 4.86
C ALA A 164 2.93 9.72 4.92
N THR A 165 3.14 8.92 5.96
CA THR A 165 4.15 7.88 5.91
C THR A 165 3.50 6.58 6.29
N ALA A 166 4.10 5.48 5.84
CA ALA A 166 3.59 4.15 6.17
C ALA A 166 4.56 3.44 7.09
N ASP A 167 4.06 2.82 8.15
CA ASP A 167 4.94 2.05 9.02
C ASP A 167 4.12 1.07 9.83
N VAL A 168 4.80 0.29 10.66
CA VAL A 168 4.14 -0.67 11.52
C VAL A 168 3.46 0.02 12.68
N TYR A 169 2.60 -0.69 13.40
CA TYR A 169 1.65 -0.02 14.27
C TYR A 169 2.28 0.70 15.47
N TYR A 170 3.50 0.29 15.82
CA TYR A 170 4.21 0.83 16.97
C TYR A 170 5.32 1.83 16.57
N LYS A 171 5.35 2.29 15.32
CA LYS A 171 6.38 3.23 14.83
C LYS A 171 5.80 4.54 14.27
N PHE A 172 4.97 5.16 15.07
CA PHE A 172 4.43 6.50 14.73
C PHE A 172 4.75 7.49 15.87
N PRO A 173 6.01 7.89 16.02
CA PRO A 173 6.38 8.83 17.09
C PRO A 173 5.83 10.21 16.79
N GLU A 174 5.62 10.97 17.87
CA GLU A 174 4.95 12.24 17.81
C GLU A 174 5.62 13.21 16.86
N VAL A 175 6.95 13.26 16.84
N VAL A 175 6.94 13.27 16.85
CA VAL A 175 7.64 14.24 16.01
CA VAL A 175 7.64 14.24 16.02
C VAL A 175 7.35 14.01 14.53
C VAL A 175 7.35 14.01 14.53
N VAL A 176 7.18 12.74 14.14
CA VAL A 176 6.80 12.41 12.77
C VAL A 176 5.33 12.73 12.49
N VAL A 177 4.47 12.29 13.40
CA VAL A 177 3.03 12.42 13.16
C VAL A 177 2.62 13.91 13.06
N LYS A 178 3.31 14.77 13.82
CA LYS A 178 3.06 16.21 13.69
C LYS A 178 3.20 16.77 12.27
N GLU A 179 4.08 16.15 11.46
CA GLU A 179 4.32 16.66 10.12
C GLU A 179 3.37 16.09 9.08
N LEU A 180 2.62 15.03 9.44
CA LEU A 180 1.82 14.31 8.48
C LEU A 180 0.47 14.96 8.26
N ASP A 181 -0.13 14.71 7.11
CA ASP A 181 -1.56 14.96 6.94
C ASP A 181 -2.40 13.76 7.41
N PHE A 182 -1.91 12.55 7.14
CA PHE A 182 -2.57 11.34 7.63
C PHE A 182 -1.53 10.24 7.82
N LEU A 183 -1.92 9.19 8.54
CA LEU A 183 -1.04 8.05 8.82
C LEU A 183 -1.47 6.87 8.00
N MET A 184 -0.53 6.01 7.62
CA MET A 184 -0.91 4.76 6.97
C MET A 184 -0.20 3.59 7.63
N MET A 185 -0.97 2.62 8.05
CA MET A 185 -0.44 1.42 8.69
C MET A 185 -0.15 0.26 7.76
N ASN A 186 1.01 -0.34 7.95
CA ASN A 186 1.30 -1.64 7.33
C ASN A 186 1.18 -2.66 8.44
N ALA A 187 0.39 -3.70 8.25
CA ALA A 187 0.29 -4.73 9.29
C ALA A 187 -0.07 -6.05 8.64
N PHE A 188 0.64 -7.10 9.01
CA PHE A 188 0.36 -8.44 8.53
C PHE A 188 0.30 -9.41 9.68
N PRO A 189 -0.91 -9.70 10.18
CA PRO A 189 -1.07 -10.75 11.18
C PRO A 189 -0.41 -12.09 10.80
N TYR A 190 -0.37 -12.43 9.51
CA TYR A 190 0.31 -13.60 9.05
C TYR A 190 1.74 -13.69 9.59
N TRP A 191 2.46 -12.59 9.50
CA TRP A 191 3.84 -12.57 9.96
C TRP A 191 4.00 -12.51 11.49
N GLU A 192 2.88 -12.41 12.19
CA GLU A 192 2.81 -12.43 13.63
C GLU A 192 2.36 -13.82 14.11
N GLY A 193 2.10 -14.73 13.17
CA GLY A 193 1.71 -16.09 13.56
C GLY A 193 0.27 -16.21 14.05
N VAL A 194 -0.56 -15.21 13.78
CA VAL A 194 -1.98 -15.20 14.20
C VAL A 194 -2.79 -16.17 13.32
N THR A 195 -3.57 -17.03 13.95
CA THR A 195 -4.38 -17.99 13.19
C THR A 195 -5.43 -17.21 12.38
N ILE A 196 -5.81 -17.79 11.24
CA ILE A 196 -6.66 -17.07 10.31
C ILE A 196 -7.96 -16.51 10.91
N ASP A 197 -8.63 -17.27 11.78
CA ASP A 197 -9.92 -16.82 12.31
C ASP A 197 -9.82 -15.52 13.10
N ASN A 198 -8.62 -15.27 13.64
CA ASN A 198 -8.36 -14.11 14.47
C ASN A 198 -7.63 -12.98 13.71
N ALA A 199 -7.30 -13.17 12.44
CA ALA A 199 -6.36 -12.28 11.78
C ALA A 199 -6.93 -10.87 11.52
N ALA A 200 -8.15 -10.79 10.96
CA ALA A 200 -8.73 -9.47 10.70
C ALA A 200 -9.01 -8.74 12.01
N ASP A 201 -9.36 -9.49 13.04
CA ASP A 201 -9.63 -8.83 14.31
C ASP A 201 -8.31 -8.22 14.85
N THR A 202 -7.19 -8.95 14.77
CA THR A 202 -5.88 -8.45 15.21
C THR A 202 -5.50 -7.23 14.37
N LEU A 203 -5.77 -7.24 13.05
CA LEU A 203 -5.50 -6.09 12.21
C LEU A 203 -6.20 -4.86 12.80
N MET A 204 -7.47 -4.99 13.18
N MET A 204 -7.45 -5.02 13.21
CA MET A 204 -8.22 -3.83 13.69
CA MET A 204 -8.21 -3.89 13.76
C MET A 204 -7.69 -3.37 15.05
C MET A 204 -7.65 -3.40 15.10
N SER A 205 -7.21 -4.31 15.87
N SER A 205 -7.20 -4.32 15.94
CA SER A 205 -6.58 -3.96 17.14
CA SER A 205 -6.55 -3.94 17.19
C SER A 205 -5.33 -3.11 16.91
C SER A 205 -5.30 -3.11 16.93
N HIS A 206 -4.52 -3.52 15.94
CA HIS A 206 -3.32 -2.77 15.56
C HIS A 206 -3.70 -1.41 15.00
N TYR A 207 -4.78 -1.35 14.21
CA TYR A 207 -5.28 -0.08 13.71
C TYR A 207 -5.59 0.86 14.87
N ASP A 208 -6.21 0.34 15.92
CA ASP A 208 -6.57 1.21 17.05
C ASP A 208 -5.34 1.75 17.75
N GLN A 209 -4.25 0.99 17.77
CA GLN A 209 -2.98 1.50 18.33
C GLN A 209 -2.45 2.67 17.50
N VAL A 210 -2.62 2.61 16.17
CA VAL A 210 -2.19 3.71 15.34
C VAL A 210 -3.09 4.92 15.57
N VAL A 211 -4.39 4.68 15.71
CA VAL A 211 -5.27 5.78 16.12
C VAL A 211 -4.74 6.39 17.44
N GLY A 212 -4.28 5.54 18.35
CA GLY A 212 -3.74 6.02 19.62
C GLY A 212 -2.56 6.95 19.44
N ALA A 213 -1.84 6.81 18.32
CA ALA A 213 -0.65 7.64 18.03
C ALA A 213 -0.93 8.77 17.04
N SER A 214 -2.17 8.90 16.61
CA SER A 214 -2.52 9.69 15.44
C SER A 214 -2.61 11.19 15.66
N LEU A 215 -2.61 11.62 16.93
CA LEU A 215 -2.86 13.04 17.27
C LEU A 215 -4.20 13.49 16.68
N GLY A 216 -5.11 12.52 16.48
CA GLY A 216 -6.41 12.83 15.89
C GLY A 216 -6.49 12.94 14.38
N LYS A 217 -5.36 12.71 13.71
N LYS A 217 -5.37 12.74 13.71
CA LYS A 217 -5.31 12.78 12.26
CA LYS A 217 -5.31 12.80 12.25
C LYS A 217 -5.87 11.50 11.64
C LYS A 217 -5.86 11.52 11.64
N PRO A 218 -6.34 11.57 10.38
CA PRO A 218 -6.89 10.34 9.78
C PRO A 218 -5.87 9.22 9.69
N VAL A 219 -6.36 7.99 9.88
CA VAL A 219 -5.54 6.80 9.78
C VAL A 219 -6.09 5.88 8.70
N LYS A 220 -5.25 5.55 7.71
N LYS A 220 -5.25 5.54 7.73
CA LYS A 220 -5.61 4.63 6.65
CA LYS A 220 -5.60 4.61 6.66
C LYS A 220 -4.70 3.40 6.78
C LYS A 220 -4.70 3.39 6.79
N ILE A 221 -5.00 2.36 6.01
CA ILE A 221 -4.17 1.14 6.00
C ILE A 221 -3.47 1.06 4.65
N SER A 222 -2.14 1.14 4.71
N SER A 222 -2.14 1.14 4.65
CA SER A 222 -1.27 1.10 3.53
CA SER A 222 -1.39 1.09 3.40
C SER A 222 -1.07 -0.29 2.95
C SER A 222 -1.09 -0.32 2.91
N GLU A 223 -1.05 -1.29 3.82
CA GLU A 223 -0.80 -2.68 3.41
C GLU A 223 -1.36 -3.66 4.43
N THR A 224 -2.07 -4.68 3.92
CA THR A 224 -2.27 -5.93 4.65
C THR A 224 -2.72 -6.95 3.60
N GLY A 225 -2.48 -8.22 3.90
CA GLY A 225 -2.82 -9.30 2.97
C GLY A 225 -2.43 -10.63 3.59
N TRP A 226 -2.60 -11.72 2.84
CA TRP A 226 -2.45 -13.06 3.37
C TRP A 226 -2.04 -13.94 2.19
N PRO A 227 -1.04 -14.82 2.35
CA PRO A 227 -0.57 -15.61 1.22
C PRO A 227 -1.40 -16.87 0.97
N SER A 228 -1.51 -17.23 -0.31
CA SER A 228 -2.30 -18.42 -0.66
C SER A 228 -1.50 -19.74 -0.70
N ALA A 229 -0.18 -19.66 -0.61
CA ALA A 229 0.68 -20.86 -0.66
C ALA A 229 2.03 -20.51 -0.08
N GLY A 230 2.83 -21.54 0.16
CA GLY A 230 4.20 -21.35 0.60
C GLY A 230 4.46 -21.80 2.02
N GLY A 231 3.47 -22.40 2.65
CA GLY A 231 3.67 -23.03 3.94
C GLY A 231 2.86 -22.43 5.06
N ASN A 232 3.53 -22.06 6.15
CA ASN A 232 2.85 -21.50 7.32
C ASN A 232 3.88 -20.66 8.09
N PHE A 233 3.39 -19.82 8.97
CA PHE A 233 4.24 -19.09 9.89
C PHE A 233 3.64 -19.30 11.26
N GLN A 234 4.19 -20.27 11.99
CA GLN A 234 3.55 -20.76 13.20
C GLN A 234 2.08 -21.11 12.89
N SER A 235 1.12 -20.51 13.60
CA SER A 235 -0.33 -20.88 13.39
C SER A 235 -0.95 -20.26 12.15
N SER A 236 -0.26 -19.34 11.47
CA SER A 236 -0.77 -18.69 10.26
C SER A 236 -0.49 -19.62 9.10
N VAL A 237 -1.55 -20.14 8.47
CA VAL A 237 -1.39 -21.10 7.39
C VAL A 237 -1.67 -20.44 6.05
N ALA A 238 -0.73 -20.59 5.13
CA ALA A 238 -0.92 -20.12 3.77
C ALA A 238 -1.78 -21.09 2.94
N SER A 239 -2.96 -20.65 2.49
CA SER A 239 -3.85 -21.48 1.66
C SER A 239 -4.78 -20.53 0.91
N VAL A 240 -5.34 -21.03 -0.17
CA VAL A 240 -6.29 -20.19 -0.94
C VAL A 240 -7.54 -19.91 -0.08
N GLU A 241 -7.99 -20.89 0.70
CA GLU A 241 -9.17 -20.68 1.51
C GLU A 241 -8.88 -19.59 2.54
N ASN A 242 -7.66 -19.57 3.09
CA ASN A 242 -7.29 -18.58 4.10
C ASN A 242 -7.11 -17.21 3.51
N GLU A 243 -6.49 -17.12 2.32
CA GLU A 243 -6.39 -15.81 1.67
C GLU A 243 -7.82 -15.28 1.41
N ASN A 244 -8.70 -16.14 0.88
CA ASN A 244 -10.09 -15.76 0.61
C ASN A 244 -10.81 -15.26 1.86
N LYS A 245 -10.64 -15.99 2.96
CA LYS A 245 -11.25 -15.59 4.23
C LYS A 245 -10.69 -14.23 4.71
N TYR A 246 -9.37 -14.08 4.64
CA TYR A 246 -8.74 -12.85 5.12
C TYR A 246 -9.23 -11.67 4.30
N LEU A 247 -9.24 -11.84 2.97
CA LEU A 247 -9.74 -10.80 2.07
C LEU A 247 -11.18 -10.41 2.45
N HIS A 248 -12.06 -11.40 2.57
CA HIS A 248 -13.45 -11.09 2.91
C HIS A 248 -13.55 -10.37 4.24
N ASP A 249 -12.82 -10.87 5.25
CA ASP A 249 -12.94 -10.31 6.60
C ASP A 249 -12.39 -8.91 6.68
N VAL A 250 -11.22 -8.65 6.09
N VAL A 250 -11.24 -8.67 6.08
CA VAL A 250 -10.68 -7.30 6.21
CA VAL A 250 -10.66 -7.35 6.18
C VAL A 250 -11.50 -6.28 5.40
C VAL A 250 -11.50 -6.32 5.42
N LEU A 251 -11.98 -6.68 4.23
CA LEU A 251 -12.84 -5.78 3.45
C LEU A 251 -14.10 -5.45 4.26
N CYS A 252 -14.64 -6.46 4.94
CA CYS A 252 -15.81 -6.22 5.79
C CYS A 252 -15.50 -5.24 6.93
N ARG A 253 -14.45 -5.52 7.70
CA ARG A 253 -14.11 -4.69 8.85
C ARG A 253 -13.82 -3.25 8.48
N VAL A 254 -13.10 -3.00 7.39
CA VAL A 254 -12.80 -1.62 7.03
C VAL A 254 -14.06 -0.91 6.51
N LYS A 255 -14.99 -1.68 5.95
CA LYS A 255 -16.26 -1.10 5.52
C LYS A 255 -17.07 -0.71 6.76
N GLN A 256 -17.11 -1.57 7.77
CA GLN A 256 -17.86 -1.30 8.98
C GLN A 256 -17.37 -0.05 9.68
N ARG A 257 -16.07 0.18 9.65
CA ARG A 257 -15.46 1.28 10.40
C ARG A 257 -15.08 2.47 9.52
N ASN A 258 -15.44 2.42 8.24
CA ASN A 258 -15.13 3.51 7.32
C ASN A 258 -13.63 3.81 7.24
N ILE A 259 -12.82 2.76 7.16
CA ILE A 259 -11.39 2.90 7.04
C ILE A 259 -10.99 2.69 5.58
N ASP A 260 -10.11 3.56 5.06
CA ASP A 260 -9.54 3.42 3.72
C ASP A 260 -8.37 2.43 3.75
N LEU A 261 -8.46 1.42 2.88
CA LEU A 261 -7.49 0.33 2.83
C LEU A 261 -6.90 0.13 1.44
N LEU A 262 -5.58 0.01 1.36
CA LEU A 262 -4.91 -0.44 0.13
C LEU A 262 -4.54 -1.91 0.35
N TYR A 263 -5.20 -2.79 -0.37
CA TYR A 263 -4.97 -4.22 -0.15
C TYR A 263 -3.65 -4.69 -0.78
N PHE A 264 -2.98 -5.62 -0.12
CA PHE A 264 -1.69 -6.14 -0.63
C PHE A 264 -1.86 -7.60 -1.04
N SER A 265 -1.75 -7.93 -2.32
CA SER A 265 -1.37 -7.01 -3.40
C SER A 265 -2.17 -7.42 -4.65
N ALA A 266 -1.98 -6.69 -5.74
CA ALA A 266 -2.74 -6.96 -6.96
C ALA A 266 -2.46 -8.36 -7.53
N PHE A 267 -1.18 -8.66 -7.73
CA PHE A 267 -0.75 -9.88 -8.43
C PHE A 267 0.30 -10.64 -7.66
N ASP A 268 0.27 -11.97 -7.75
CA ASP A 268 1.38 -12.77 -7.23
C ASP A 268 2.69 -12.28 -7.87
N GLU A 269 3.76 -12.30 -7.10
CA GLU A 269 5.06 -11.86 -7.60
C GLU A 269 6.10 -12.98 -7.40
N PRO A 270 6.23 -13.85 -8.43
CA PRO A 270 7.11 -15.04 -8.40
C PRO A 270 8.55 -14.78 -7.98
N TYR A 271 9.07 -13.57 -8.17
CA TYR A 271 10.49 -13.33 -7.87
C TYR A 271 10.84 -13.30 -6.37
N ARG A 272 9.85 -13.06 -5.53
CA ARG A 272 10.09 -12.99 -4.09
C ARG A 272 10.26 -14.37 -3.45
N GLY A 273 9.84 -15.42 -4.16
CA GLY A 273 9.84 -16.79 -3.64
C GLY A 273 9.02 -17.03 -2.39
N GLY A 274 8.88 -18.31 -2.02
CA GLY A 274 8.18 -18.75 -0.81
C GLY A 274 6.79 -18.15 -0.72
N VAL A 275 6.36 -17.89 0.51
N VAL A 275 6.30 -17.89 0.50
CA VAL A 275 5.06 -17.28 0.80
CA VAL A 275 4.95 -17.31 0.66
C VAL A 275 4.92 -15.91 0.14
C VAL A 275 4.90 -15.92 0.03
N GLU A 276 6.04 -15.21 -0.06
CA GLU A 276 6.03 -13.85 -0.60
C GLU A 276 5.60 -13.79 -2.07
N ALA A 277 5.68 -14.93 -2.71
CA ALA A 277 5.25 -15.05 -4.11
C ALA A 277 3.75 -15.31 -4.28
N HIS A 278 2.99 -15.28 -3.20
CA HIS A 278 1.58 -15.70 -3.22
C HIS A 278 0.60 -14.73 -2.53
N PHE A 279 0.94 -13.44 -2.48
CA PHE A 279 0.06 -12.42 -1.87
C PHE A 279 -0.94 -11.78 -2.84
N GLY A 280 -0.89 -12.13 -4.13
CA GLY A 280 -1.81 -11.49 -5.05
C GLY A 280 -3.25 -11.87 -4.80
N VAL A 281 -4.14 -10.93 -5.14
CA VAL A 281 -5.56 -11.22 -5.31
C VAL A 281 -5.76 -12.03 -6.61
N LEU A 282 -4.96 -11.66 -7.61
CA LEU A 282 -4.92 -12.36 -8.89
C LEU A 282 -3.55 -13.02 -9.08
N GLY A 283 -3.49 -13.91 -10.06
CA GLY A 283 -2.26 -14.64 -10.33
C GLY A 283 -1.17 -13.82 -11.00
N SER A 284 0.07 -14.34 -11.02
CA SER A 284 1.18 -13.65 -11.66
C SER A 284 0.97 -13.44 -13.15
N ASP A 285 0.15 -14.30 -13.79
CA ASP A 285 -0.13 -14.14 -15.21
C ASP A 285 -1.42 -13.36 -15.45
N ARG A 286 -1.93 -12.74 -14.37
CA ARG A 286 -3.08 -11.81 -14.38
C ARG A 286 -4.42 -12.50 -14.49
N ASN A 287 -4.43 -13.84 -14.47
CA ASN A 287 -5.66 -14.59 -14.35
C ASN A 287 -6.14 -14.67 -12.91
N THR A 288 -7.41 -15.00 -12.72
CA THR A 288 -7.95 -15.11 -11.38
C THR A 288 -7.43 -16.37 -10.69
N LYS A 289 -7.29 -16.28 -9.36
N LYS A 289 -7.29 -16.29 -9.36
CA LYS A 289 -6.87 -17.42 -8.54
CA LYS A 289 -6.86 -17.43 -8.55
C LYS A 289 -8.11 -18.24 -8.19
C LYS A 289 -8.10 -18.24 -8.19
N PRO A 290 -8.16 -19.51 -8.60
CA PRO A 290 -9.34 -20.33 -8.26
C PRO A 290 -9.46 -20.45 -6.74
N GLY A 291 -10.67 -20.20 -6.21
CA GLY A 291 -10.90 -20.25 -4.78
C GLY A 291 -10.90 -18.87 -4.17
N ILE A 292 -10.51 -17.85 -4.93
CA ILE A 292 -10.69 -16.46 -4.47
C ILE A 292 -11.98 -15.90 -5.03
N THR A 293 -12.87 -15.46 -4.16
CA THR A 293 -14.02 -14.69 -4.60
C THR A 293 -13.80 -13.26 -4.16
N ILE A 294 -13.77 -12.35 -5.12
CA ILE A 294 -13.43 -10.96 -4.86
C ILE A 294 -14.67 -10.21 -4.41
N GLU A 295 -14.90 -10.22 -3.09
CA GLU A 295 -16.12 -9.71 -2.48
C GLU A 295 -15.76 -9.37 -1.04
N ALA A 296 -16.45 -8.40 -0.45
CA ALA A 296 -16.32 -8.16 0.98
C ALA A 296 -17.19 -9.15 1.76
N GLY A 297 -16.75 -9.47 2.98
CA GLY A 297 -17.49 -10.40 3.83
C GLY A 297 -18.72 -9.81 4.51
N CYS A 298 -18.97 -8.52 4.33
CA CYS A 298 -20.24 -7.91 4.75
C CYS A 298 -20.46 -6.62 4.00
#